data_7VR6
#
_entry.id   7VR6
#
_cell.length_a   114.940
_cell.length_b   114.940
_cell.length_c   46.100
_cell.angle_alpha   90.000
_cell.angle_beta   90.000
_cell.angle_gamma   120.000
#
_symmetry.space_group_name_H-M   'H 3'
#
loop_
_entity.id
_entity.type
_entity.pdbx_description
1 polymer 'Intermembrane phospholipid transport system binding protein MlaC'
2 non-polymer DI-PALMITOYL-3-SN-PHOSPHATIDYLETHANOLAMINE
3 non-polymer 1,2-ETHANEDIOL
4 water water
#
_entity_poly.entity_id   1
_entity_poly.type   'polypeptide(L)'
_entity_poly.pdbx_seq_one_letter_code
;MHHHHHHADQTNPYKLMDEAAQKTFDRLKNEQPQIRANPDYLRTIVDQELLPYVQVKYAGALVLGQYYKSATPAQREAYF
AAFREYLKQAYGQALAMYHGQTYQIAPEQPLGDKTIVPIRVTIIDPNGRPPVRLDFQWRKNSQTGNWQAYDMIAEGVSMI
TTKQNEWGTLLRTKGIDGLTAQLKSISQQKITLEEKK
;
_entity_poly.pdbx_strand_id   A
#
loop_
_chem_comp.id
_chem_comp.type
_chem_comp.name
_chem_comp.formula
EDO non-polymer 1,2-ETHANEDIOL 'C2 H6 O2'
PEF non-polymer DI-PALMITOYL-3-SN-PHOSPHATIDYLETHANOLAMINE 'C37 H74 N O8 P'
#
# COMPACT_ATOMS: atom_id res chain seq x y z
N THR A 11 0.73 -3.63 20.52
CA THR A 11 0.71 -3.47 19.01
C THR A 11 -0.22 -4.56 18.46
N ASN A 12 -1.46 -4.20 18.16
CA ASN A 12 -2.56 -5.13 17.78
C ASN A 12 -3.15 -4.61 16.46
N PRO A 13 -3.38 -5.48 15.46
CA PRO A 13 -3.65 -5.01 14.10
C PRO A 13 -4.94 -4.17 13.98
N TYR A 14 -5.94 -4.43 14.80
CA TYR A 14 -7.24 -3.75 14.70
C TYR A 14 -7.05 -2.29 15.10
N LYS A 15 -6.30 -2.03 16.19
CA LYS A 15 -5.96 -0.65 16.66
C LYS A 15 -5.09 0.06 15.62
N LEU A 16 -4.05 -0.60 15.13
CA LEU A 16 -3.16 -0.02 14.10
C LEU A 16 -3.96 0.30 12.85
N MET A 17 -4.85 -0.61 12.46
CA MET A 17 -5.61 -0.43 11.21
C MET A 17 -6.42 0.84 11.41
N ASP A 18 -6.89 1.03 12.62
CA ASP A 18 -7.86 2.11 12.92
C ASP A 18 -7.15 3.46 13.02
N GLU A 19 -5.92 3.45 13.53
CA GLU A 19 -5.05 4.64 13.73
C GLU A 19 -4.57 5.14 12.35
N ALA A 20 -4.08 4.24 11.53
CA ALA A 20 -3.69 4.49 10.13
C ALA A 20 -4.84 5.23 9.42
N ALA A 21 -6.06 4.68 9.52
CA ALA A 21 -7.30 5.14 8.87
C ALA A 21 -7.68 6.51 9.43
N GLN A 22 -7.77 6.59 10.75
CA GLN A 22 -8.16 7.87 11.40
C GLN A 22 -7.20 8.96 10.81
N LYS A 23 -5.90 8.71 10.90
CA LYS A 23 -4.86 9.75 10.65
C LYS A 23 -4.90 10.17 9.17
N THR A 24 -5.14 9.21 8.27
CA THR A 24 -5.16 9.45 6.83
C THR A 24 -6.36 10.37 6.54
N PHE A 25 -7.54 9.97 7.03
CA PHE A 25 -8.81 10.68 6.75
C PHE A 25 -8.75 12.12 7.28
N ASP A 26 -8.26 12.29 8.51
CA ASP A 26 -8.01 13.61 9.12
C ASP A 26 -7.20 14.50 8.17
N ARG A 27 -6.08 14.01 7.65
CA ARG A 27 -5.19 14.84 6.80
C ARG A 27 -5.95 15.16 5.51
N LEU A 28 -6.66 14.19 4.91
CA LEU A 28 -7.43 14.34 3.64
C LEU A 28 -8.52 15.37 3.86
N LYS A 29 -9.14 15.43 5.03
CA LYS A 29 -10.19 16.42 5.25
C LYS A 29 -9.55 17.81 5.52
N ASN A 30 -8.43 17.87 6.24
CA ASN A 30 -8.02 19.14 6.85
C ASN A 30 -6.81 19.74 6.12
N GLU A 31 -6.26 19.04 5.12
CA GLU A 31 -5.05 19.48 4.37
C GLU A 31 -5.32 19.57 2.87
N GLN A 32 -6.56 19.88 2.47
CA GLN A 32 -6.89 20.17 1.07
C GLN A 32 -6.00 21.31 0.52
N PRO A 33 -5.73 22.40 1.27
CA PRO A 33 -4.87 23.45 0.74
C PRO A 33 -3.51 22.96 0.24
N GLN A 34 -2.90 22.07 1.03
CA GLN A 34 -1.56 21.51 0.80
C GLN A 34 -1.64 20.60 -0.42
N ILE A 35 -2.59 19.70 -0.47
CA ILE A 35 -2.83 18.76 -1.59
C ILE A 35 -3.00 19.57 -2.91
N ARG A 36 -3.87 20.57 -2.89
CA ARG A 36 -4.14 21.47 -4.04
C ARG A 36 -2.91 22.32 -4.42
N ALA A 37 -2.10 22.78 -3.47
CA ALA A 37 -0.86 23.52 -3.80
C ALA A 37 0.13 22.60 -4.53
N ASN A 38 0.15 21.33 -4.15
CA ASN A 38 1.08 20.32 -4.68
C ASN A 38 0.50 18.91 -4.50
N PRO A 39 -0.12 18.32 -5.53
CA PRO A 39 -0.71 17.00 -5.37
C PRO A 39 0.27 15.88 -4.90
N ASP A 40 1.56 16.03 -5.17
CA ASP A 40 2.58 15.05 -4.72
C ASP A 40 2.64 15.03 -3.18
N TYR A 41 2.06 16.02 -2.49
CA TYR A 41 1.92 16.10 -1.01
C TYR A 41 1.09 14.95 -0.38
N LEU A 42 0.21 14.36 -1.18
CA LEU A 42 -0.39 13.05 -0.91
C LEU A 42 0.71 12.02 -0.62
N ARG A 43 1.86 12.06 -1.30
CA ARG A 43 2.96 11.07 -1.10
C ARG A 43 3.40 11.16 0.36
N THR A 44 3.37 12.35 0.94
CA THR A 44 3.75 12.57 2.36
C THR A 44 2.71 11.83 3.25
N ILE A 45 1.43 11.98 2.92
CA ILE A 45 0.37 11.47 3.81
C ILE A 45 0.49 9.96 3.86
N VAL A 46 0.74 9.34 2.71
CA VAL A 46 1.02 7.89 2.60
C VAL A 46 2.29 7.54 3.40
N ASP A 47 3.38 8.27 3.20
CA ASP A 47 4.67 7.97 3.82
C ASP A 47 4.55 8.01 5.34
N GLN A 48 3.79 8.97 5.91
CA GLN A 48 3.81 9.30 7.38
C GLN A 48 2.71 8.55 8.11
N GLU A 49 1.60 8.26 7.45
CA GLU A 49 0.38 7.72 8.10
C GLU A 49 0.23 6.24 7.78
N LEU A 50 0.71 5.71 6.64
CA LEU A 50 0.38 4.32 6.16
C LEU A 50 1.65 3.47 6.10
N LEU A 51 2.72 3.94 5.47
CA LEU A 51 3.92 3.08 5.35
C LEU A 51 4.53 2.68 6.71
N PRO A 52 4.47 3.43 7.83
CA PRO A 52 5.07 2.92 9.06
C PRO A 52 4.50 1.57 9.49
N TYR A 53 3.32 1.19 9.00
CA TYR A 53 2.63 -0.07 9.36
C TYR A 53 2.73 -1.14 8.24
N VAL A 54 3.48 -0.86 7.19
CA VAL A 54 3.57 -1.69 5.95
C VAL A 54 4.90 -2.46 5.97
N GLN A 55 4.84 -3.79 5.82
CA GLN A 55 6.05 -4.63 5.65
C GLN A 55 6.49 -4.44 4.19
N VAL A 56 7.19 -3.33 3.92
CA VAL A 56 7.53 -2.87 2.54
C VAL A 56 8.50 -3.84 1.84
N LYS A 57 9.52 -4.36 2.53
CA LYS A 57 10.46 -5.35 1.99
C LYS A 57 9.71 -6.65 1.69
N TYR A 58 8.82 -7.07 2.60
CA TYR A 58 8.16 -8.38 2.43
C TYR A 58 7.21 -8.32 1.23
N ALA A 59 6.40 -7.26 1.14
CA ALA A 59 5.44 -7.06 0.02
C ALA A 59 6.24 -6.88 -1.27
N GLY A 60 7.39 -6.26 -1.22
CA GLY A 60 8.27 -6.11 -2.39
C GLY A 60 8.75 -7.48 -2.83
N ALA A 61 9.29 -8.26 -1.90
CA ALA A 61 9.81 -9.63 -2.14
C ALA A 61 8.73 -10.58 -2.68
N LEU A 62 7.53 -10.59 -2.08
CA LEU A 62 6.35 -11.30 -2.63
C LEU A 62 6.06 -10.87 -4.06
N VAL A 63 6.18 -9.60 -4.36
CA VAL A 63 5.90 -9.25 -5.79
C VAL A 63 6.92 -9.94 -6.71
N LEU A 64 8.18 -10.04 -6.29
CA LEU A 64 9.29 -10.62 -7.09
C LEU A 64 9.18 -12.15 -7.27
N GLY A 65 8.64 -12.86 -6.28
CA GLY A 65 8.57 -14.33 -6.16
C GLY A 65 9.88 -15.04 -6.46
N GLN A 66 9.90 -15.83 -7.54
CA GLN A 66 11.07 -16.62 -8.05
C GLN A 66 12.29 -15.71 -8.23
N TYR A 67 12.08 -14.47 -8.68
CA TYR A 67 13.13 -13.50 -9.10
C TYR A 67 13.83 -12.84 -7.89
N TYR A 68 13.34 -13.00 -6.67
CA TYR A 68 14.10 -12.61 -5.45
C TYR A 68 15.46 -13.34 -5.31
N LYS A 69 15.48 -14.68 -5.42
CA LYS A 69 16.66 -15.55 -5.15
C LYS A 69 17.90 -15.12 -5.95
N SER A 70 17.68 -14.68 -7.18
CA SER A 70 18.69 -14.37 -8.22
C SER A 70 19.25 -12.95 -8.06
N ALA A 71 18.55 -12.05 -7.38
CA ALA A 71 19.00 -10.66 -7.18
C ALA A 71 20.22 -10.59 -6.26
N THR A 72 21.21 -9.76 -6.62
CA THR A 72 22.30 -9.35 -5.71
C THR A 72 21.73 -8.42 -4.66
N PRO A 73 22.37 -8.30 -3.47
CA PRO A 73 22.00 -7.30 -2.47
C PRO A 73 21.83 -5.88 -3.05
N ALA A 74 22.78 -5.45 -3.88
CA ALA A 74 22.69 -4.17 -4.62
C ALA A 74 21.35 -4.08 -5.38
N GLN A 75 21.01 -5.07 -6.15
CA GLN A 75 19.75 -5.08 -6.95
C GLN A 75 18.54 -5.03 -6.00
N ARG A 76 18.56 -5.79 -4.92
CA ARG A 76 17.43 -5.87 -3.95
C ARG A 76 17.23 -4.51 -3.32
N GLU A 77 18.29 -3.88 -2.85
CA GLU A 77 18.15 -2.58 -2.14
C GLU A 77 17.65 -1.52 -3.12
N ALA A 78 18.14 -1.51 -4.35
CA ALA A 78 17.66 -0.59 -5.40
C ALA A 78 16.18 -0.87 -5.70
N TYR A 79 15.82 -2.14 -5.83
CA TYR A 79 14.40 -2.55 -5.98
C TYR A 79 13.48 -2.02 -4.85
N PHE A 80 13.82 -2.26 -3.61
CA PHE A 80 12.98 -1.91 -2.43
C PHE A 80 12.82 -0.39 -2.35
N ALA A 81 13.87 0.34 -2.59
CA ALA A 81 13.87 1.83 -2.57
C ALA A 81 12.87 2.32 -3.62
N ALA A 82 12.95 1.72 -4.80
CA ALA A 82 12.08 2.05 -5.93
C ALA A 82 10.64 1.73 -5.54
N PHE A 83 10.46 0.62 -4.84
CA PHE A 83 9.15 0.04 -4.51
C PHE A 83 8.46 0.93 -3.50
N ARG A 84 9.19 1.39 -2.48
CA ARG A 84 8.66 2.35 -1.49
C ARG A 84 8.27 3.66 -2.17
N GLU A 85 9.14 4.19 -3.05
CA GLU A 85 8.74 5.39 -3.82
C GLU A 85 7.44 5.08 -4.56
N TYR A 86 7.29 3.85 -5.05
CA TYR A 86 6.20 3.48 -6.00
C TYR A 86 4.91 3.33 -5.18
N LEU A 87 4.97 2.74 -3.99
CA LEU A 87 3.84 2.76 -3.02
C LEU A 87 3.35 4.21 -2.76
N LYS A 88 4.24 5.14 -2.45
CA LYS A 88 3.87 6.57 -2.09
C LYS A 88 3.08 7.17 -3.27
N GLN A 89 3.58 6.92 -4.48
CA GLN A 89 3.03 7.47 -5.73
C GLN A 89 1.67 6.82 -6.02
N ALA A 90 1.56 5.53 -5.85
CA ALA A 90 0.39 4.76 -6.31
C ALA A 90 -0.73 4.98 -5.31
N TYR A 91 -0.45 4.79 -4.03
CA TYR A 91 -1.46 5.07 -2.97
C TYR A 91 -1.79 6.57 -2.95
N GLY A 92 -0.78 7.39 -3.17
CA GLY A 92 -1.02 8.85 -3.29
C GLY A 92 -2.06 9.12 -4.34
N GLN A 93 -1.84 8.56 -5.53
CA GLN A 93 -2.78 8.75 -6.67
C GLN A 93 -4.16 8.20 -6.28
N ALA A 94 -4.29 7.09 -5.55
CA ALA A 94 -5.60 6.63 -5.03
C ALA A 94 -6.25 7.64 -4.02
N LEU A 95 -5.48 8.24 -3.13
CA LEU A 95 -5.99 9.28 -2.16
C LEU A 95 -6.47 10.55 -2.90
N ALA A 96 -5.99 10.77 -4.13
CA ALA A 96 -6.49 11.80 -5.05
C ALA A 96 -7.98 11.51 -5.36
N MET A 97 -8.50 10.33 -5.05
CA MET A 97 -9.94 10.09 -5.31
C MET A 97 -10.80 10.50 -4.12
N TYR A 98 -10.21 11.06 -3.06
CA TYR A 98 -10.98 11.51 -1.87
C TYR A 98 -11.94 12.61 -2.25
N HIS A 99 -13.19 12.48 -1.81
CA HIS A 99 -14.24 13.51 -1.99
C HIS A 99 -15.15 13.47 -0.78
N GLY A 100 -14.63 13.18 0.40
CA GLY A 100 -15.41 13.25 1.64
C GLY A 100 -16.01 11.89 1.99
N GLN A 101 -15.41 10.81 1.55
CA GLN A 101 -15.66 9.45 2.08
C GLN A 101 -15.32 9.36 3.57
N THR A 102 -16.04 8.48 4.25
CA THR A 102 -15.75 8.01 5.61
C THR A 102 -15.44 6.53 5.56
N TYR A 103 -15.14 5.93 6.70
CA TYR A 103 -14.63 4.53 6.75
C TYR A 103 -15.24 3.82 7.93
N GLN A 104 -15.26 2.49 7.81
CA GLN A 104 -15.69 1.55 8.88
C GLN A 104 -14.59 0.51 8.99
N ILE A 105 -14.25 0.05 10.19
CA ILE A 105 -13.28 -1.07 10.40
C ILE A 105 -14.06 -2.30 10.85
N ALA A 106 -13.68 -3.48 10.36
CA ALA A 106 -14.11 -4.77 10.94
C ALA A 106 -13.96 -4.62 12.46
N PRO A 107 -14.93 -5.06 13.30
CA PRO A 107 -14.74 -5.05 14.75
C PRO A 107 -13.69 -6.10 15.15
N GLU A 108 -12.90 -5.74 16.15
CA GLU A 108 -11.85 -6.57 16.73
C GLU A 108 -12.36 -8.00 16.98
N GLN A 109 -11.58 -9.02 16.58
CA GLN A 109 -11.66 -10.41 17.05
C GLN A 109 -10.53 -10.67 18.02
N PRO A 110 -10.64 -11.72 18.86
CA PRO A 110 -9.46 -12.24 19.53
C PRO A 110 -8.53 -12.81 18.41
N LEU A 111 -7.23 -12.67 18.72
CA LEU A 111 -6.11 -13.07 17.86
C LEU A 111 -5.72 -14.54 18.05
N GLY A 112 -5.87 -15.08 19.26
CA GLY A 112 -5.36 -16.42 19.58
C GLY A 112 -3.92 -16.52 19.13
N ASP A 113 -3.57 -17.62 18.45
CA ASP A 113 -2.21 -18.02 18.01
C ASP A 113 -2.01 -17.62 16.52
N LYS A 114 -3.02 -17.04 15.88
CA LYS A 114 -2.98 -16.67 14.43
C LYS A 114 -1.78 -15.79 14.13
N THR A 115 -1.14 -16.02 12.98
CA THR A 115 0.00 -15.22 12.51
C THR A 115 -0.40 -14.32 11.33
N ILE A 116 -1.57 -14.54 10.69
CA ILE A 116 -2.13 -13.69 9.59
C ILE A 116 -3.56 -13.30 9.98
N VAL A 117 -3.95 -12.07 9.69
CA VAL A 117 -5.34 -11.57 9.99
C VAL A 117 -5.76 -10.58 8.90
N PRO A 118 -6.89 -10.84 8.25
CA PRO A 118 -7.42 -9.92 7.27
C PRO A 118 -8.27 -8.91 8.02
N ILE A 119 -8.12 -7.61 7.79
CA ILE A 119 -8.94 -6.55 8.44
C ILE A 119 -9.52 -5.65 7.37
N ARG A 120 -10.84 -5.62 7.34
CA ARG A 120 -11.61 -4.92 6.31
C ARG A 120 -11.73 -3.46 6.72
N VAL A 121 -11.50 -2.57 5.78
CA VAL A 121 -11.96 -1.17 5.93
C VAL A 121 -12.87 -0.96 4.74
N THR A 122 -14.11 -0.61 5.03
CA THR A 122 -15.14 -0.20 4.07
C THR A 122 -15.03 1.32 3.91
N ILE A 123 -14.61 1.78 2.74
CA ILE A 123 -14.69 3.19 2.28
C ILE A 123 -16.17 3.51 1.94
N ILE A 124 -16.74 4.51 2.61
CA ILE A 124 -18.19 4.82 2.57
C ILE A 124 -18.42 6.14 1.88
N ASP A 125 -19.26 6.10 0.86
CA ASP A 125 -19.56 7.29 0.05
C ASP A 125 -20.62 8.06 0.79
N PRO A 126 -20.47 9.39 0.85
CA PRO A 126 -21.45 10.24 1.52
C PRO A 126 -22.83 10.23 0.85
N ASN A 127 -22.89 9.96 -0.47
CA ASN A 127 -24.16 9.98 -1.24
C ASN A 127 -24.78 8.57 -1.41
N GLY A 128 -24.19 7.57 -0.75
CA GLY A 128 -24.85 6.26 -0.64
C GLY A 128 -24.62 5.50 -1.92
N ARG A 129 -23.61 5.93 -2.69
CA ARG A 129 -23.06 5.14 -3.81
C ARG A 129 -22.41 3.92 -3.14
N PRO A 130 -22.16 2.86 -3.95
CA PRO A 130 -21.61 1.60 -3.44
C PRO A 130 -20.28 1.72 -2.69
N PRO A 131 -20.20 0.98 -1.57
CA PRO A 131 -18.99 0.89 -0.76
C PRO A 131 -17.82 0.20 -1.46
N VAL A 132 -16.61 0.51 -1.01
CA VAL A 132 -15.37 -0.19 -1.42
C VAL A 132 -14.80 -0.90 -0.21
N ARG A 133 -14.64 -2.22 -0.36
CA ARG A 133 -14.23 -3.15 0.71
C ARG A 133 -12.78 -3.45 0.47
N LEU A 134 -11.93 -3.01 1.41
CA LEU A 134 -10.48 -3.26 1.36
C LEU A 134 -10.11 -4.16 2.53
N ASP A 135 -9.78 -5.40 2.24
CA ASP A 135 -9.24 -6.36 3.24
C ASP A 135 -7.72 -6.18 3.31
N PHE A 136 -7.22 -5.53 4.36
CA PHE A 136 -5.78 -5.41 4.62
C PHE A 136 -5.27 -6.69 5.31
N GLN A 137 -4.13 -7.22 4.85
CA GLN A 137 -3.56 -8.50 5.31
C GLN A 137 -2.45 -8.16 6.30
N TRP A 138 -2.57 -8.61 7.53
CA TRP A 138 -1.64 -8.31 8.63
C TRP A 138 -0.92 -9.61 8.97
N ARG A 139 0.41 -9.56 9.08
CA ARG A 139 1.22 -10.71 9.56
C ARG A 139 1.91 -10.28 10.86
N LYS A 140 1.94 -11.18 11.86
CA LYS A 140 2.80 -11.05 13.07
C LYS A 140 4.24 -11.23 12.58
N ASN A 141 5.15 -10.29 12.89
CA ASN A 141 6.59 -10.49 12.58
C ASN A 141 7.19 -11.55 13.51
N SER A 142 8.00 -12.45 12.98
CA SER A 142 8.42 -13.70 13.67
C SER A 142 9.57 -13.45 14.67
N GLN A 143 10.27 -12.32 14.53
CA GLN A 143 11.23 -11.85 15.55
C GLN A 143 10.55 -10.93 16.58
N THR A 144 10.05 -9.79 16.12
CA THR A 144 9.64 -8.67 17.01
C THR A 144 8.24 -8.89 17.59
N GLY A 145 7.39 -9.67 16.91
CA GLY A 145 5.97 -9.83 17.28
C GLY A 145 5.07 -8.71 16.74
N ASN A 146 5.66 -7.65 16.17
CA ASN A 146 4.84 -6.52 15.67
C ASN A 146 3.99 -6.97 14.49
N TRP A 147 2.81 -6.40 14.38
CA TRP A 147 1.91 -6.63 13.23
C TRP A 147 2.15 -5.53 12.18
N GLN A 148 2.19 -5.95 10.90
CA GLN A 148 2.30 -5.06 9.71
C GLN A 148 1.46 -5.60 8.56
N ALA A 149 0.89 -4.68 7.81
CA ALA A 149 0.18 -4.92 6.55
C ALA A 149 1.19 -5.31 5.46
N TYR A 150 0.87 -6.33 4.67
CA TYR A 150 1.72 -6.85 3.54
C TYR A 150 0.90 -7.12 2.26
N ASP A 151 -0.41 -6.97 2.31
CA ASP A 151 -1.23 -6.95 1.09
C ASP A 151 -2.59 -6.21 1.30
N MET A 152 -3.24 -5.85 0.19
CA MET A 152 -4.57 -5.23 0.21
C MET A 152 -5.37 -6.03 -0.76
N ILE A 153 -6.47 -6.60 -0.31
CA ILE A 153 -7.45 -7.28 -1.18
C ILE A 153 -8.58 -6.31 -1.46
N ALA A 154 -8.56 -5.72 -2.64
CA ALA A 154 -9.54 -4.73 -3.10
C ALA A 154 -10.72 -5.45 -3.74
N GLU A 155 -11.90 -5.27 -3.15
CA GLU A 155 -13.06 -6.07 -3.56
C GLU A 155 -12.47 -7.48 -3.57
N GLY A 156 -12.44 -8.24 -4.63
CA GLY A 156 -12.08 -9.65 -4.29
C GLY A 156 -10.60 -10.01 -4.45
N VAL A 157 -9.75 -9.03 -4.80
CA VAL A 157 -8.50 -9.34 -5.56
C VAL A 157 -7.27 -8.80 -4.82
N SER A 158 -6.32 -9.69 -4.57
CA SER A 158 -5.00 -9.37 -3.99
C SER A 158 -4.29 -8.38 -4.91
N MET A 159 -3.81 -7.27 -4.38
CA MET A 159 -2.98 -6.29 -5.10
C MET A 159 -1.64 -6.93 -5.43
N ILE A 160 -1.06 -7.68 -4.51
CA ILE A 160 0.26 -8.34 -4.71
C ILE A 160 0.17 -9.30 -5.88
N THR A 161 -0.88 -10.10 -5.96
CA THR A 161 -1.07 -11.03 -7.08
C THR A 161 -1.28 -10.22 -8.36
N THR A 162 -2.11 -9.19 -8.27
CA THR A 162 -2.33 -8.28 -9.40
C THR A 162 -0.95 -7.84 -9.91
N LYS A 163 0.02 -7.51 -9.04
CA LYS A 163 1.34 -6.97 -9.51
C LYS A 163 2.27 -8.08 -9.97
N GLN A 164 2.31 -9.22 -9.31
CA GLN A 164 3.01 -10.37 -9.88
C GLN A 164 2.55 -10.57 -11.33
N ASN A 165 1.25 -10.66 -11.58
CA ASN A 165 0.71 -10.93 -12.94
C ASN A 165 1.14 -9.82 -13.89
N GLU A 166 1.07 -8.56 -13.48
CA GLU A 166 1.23 -7.41 -14.38
C GLU A 166 2.73 -7.19 -14.66
N TRP A 167 3.63 -7.54 -13.75
CA TRP A 167 5.07 -7.25 -13.94
C TRP A 167 5.84 -8.51 -14.33
N GLY A 168 5.14 -9.62 -14.58
CA GLY A 168 5.72 -10.96 -14.85
C GLY A 168 6.53 -11.00 -16.13
N THR A 169 6.10 -10.32 -17.19
CA THR A 169 6.78 -10.34 -18.49
C THR A 169 8.04 -9.51 -18.31
N LEU A 170 7.86 -8.32 -17.75
CA LEU A 170 8.98 -7.42 -17.45
C LEU A 170 10.04 -8.14 -16.61
N LEU A 171 9.62 -8.94 -15.64
CA LEU A 171 10.59 -9.78 -14.89
C LEU A 171 11.19 -10.89 -15.77
N ARG A 172 10.43 -11.58 -16.63
CA ARG A 172 10.99 -12.67 -17.47
CA ARG A 172 11.02 -12.68 -17.46
C ARG A 172 11.95 -12.02 -18.49
N THR A 173 11.57 -10.87 -19.04
CA THR A 173 12.40 -10.21 -20.08
C THR A 173 13.61 -9.45 -19.50
N LYS A 174 13.47 -8.66 -18.44
CA LYS A 174 14.51 -7.66 -18.07
C LYS A 174 14.94 -7.83 -16.62
N GLY A 175 14.32 -8.78 -15.93
CA GLY A 175 14.62 -9.04 -14.51
C GLY A 175 14.38 -7.85 -13.57
N ILE A 176 14.86 -8.00 -12.35
CA ILE A 176 14.61 -7.07 -11.25
C ILE A 176 15.02 -5.66 -11.70
N ASP A 177 16.12 -5.53 -12.40
CA ASP A 177 16.65 -4.23 -12.88
C ASP A 177 15.58 -3.56 -13.74
N GLY A 178 15.01 -4.31 -14.69
CA GLY A 178 13.90 -3.84 -15.54
C GLY A 178 12.74 -3.39 -14.69
N LEU A 179 12.40 -4.10 -13.62
CA LEU A 179 11.18 -3.78 -12.83
C LEU A 179 11.49 -2.56 -11.96
N THR A 180 12.68 -2.50 -11.40
CA THR A 180 13.22 -1.32 -10.67
C THR A 180 13.23 -0.06 -11.56
N ALA A 181 13.71 -0.11 -12.79
CA ALA A 181 13.55 1.00 -13.76
C ALA A 181 12.07 1.36 -13.94
N GLN A 182 11.15 0.42 -14.03
CA GLN A 182 9.73 0.77 -14.29
CA GLN A 182 9.72 0.77 -14.27
C GLN A 182 9.14 1.42 -13.03
N LEU A 183 9.42 0.86 -11.85
CA LEU A 183 8.96 1.47 -10.59
C LEU A 183 9.47 2.95 -10.54
N LYS A 184 10.78 3.22 -10.76
CA LYS A 184 11.34 4.60 -10.67
C LYS A 184 10.57 5.53 -11.61
N SER A 185 10.41 5.08 -12.84
CA SER A 185 9.64 5.73 -13.94
C SER A 185 8.23 6.10 -13.49
N ILE A 186 7.46 5.16 -12.94
CA ILE A 186 6.06 5.46 -12.46
C ILE A 186 6.10 6.46 -11.28
N SER A 187 7.08 6.33 -10.37
CA SER A 187 7.14 7.17 -9.16
C SER A 187 7.47 8.59 -9.63
N GLN A 188 7.91 8.77 -10.88
CA GLN A 188 8.21 10.13 -11.35
C GLN A 188 6.95 10.73 -11.96
N GLN A 189 5.87 9.99 -12.12
CA GLN A 189 4.61 10.63 -12.61
C GLN A 189 4.06 11.57 -11.53
N LYS A 190 4.00 12.86 -11.80
CA LYS A 190 3.31 13.82 -10.90
C LYS A 190 1.89 13.28 -10.65
N ILE A 191 1.48 13.30 -9.40
CA ILE A 191 0.08 12.92 -9.04
C ILE A 191 -0.91 13.96 -9.59
N THR A 192 -2.06 13.51 -10.10
CA THR A 192 -3.06 14.41 -10.75
C THR A 192 -4.33 14.46 -9.90
N LEU A 193 -4.93 15.64 -9.77
CA LEU A 193 -6.22 15.74 -9.05
C LEU A 193 -7.35 15.92 -10.06
N GLU A 194 -8.41 15.14 -9.86
CA GLU A 194 -9.84 15.42 -10.23
C GLU A 194 -10.23 16.81 -9.72
N GLU A 195 -11.13 17.52 -10.39
CA GLU A 195 -11.56 18.85 -9.91
C GLU A 195 -12.95 18.71 -9.25
C2 PEF B . -4.93 1.14 -6.43
C1 PEF B . -5.43 0.19 -7.49
N PEF B . -0.24 1.09 -9.82
C3 PEF B . -6.04 1.81 -5.66
C4 PEF B . -2.54 0.51 -10.45
C5 PEF B . -1.66 1.37 -9.58
C10 PEF B . -2.83 0.70 -5.36
C11 PEF B . -1.91 -0.39 -5.81
C12 PEF B . -0.62 -0.46 -5.06
C13 PEF B . -0.41 -1.77 -4.31
C14 PEF B . 0.97 -2.37 -4.48
C15 PEF B . 1.19 -3.74 -3.85
C16 PEF B . 0.44 -3.99 -2.58
C17 PEF B . 1.17 -3.61 -1.33
C18 PEF B . 0.35 -3.79 -0.08
C19 PEF B . 0.83 -3.01 1.10
C20 PEF B . -0.30 -2.42 1.92
C21 PEF B . -0.27 -0.90 1.93
C22 PEF B . -1.28 -0.21 2.85
C23 PEF B . -1.38 -0.77 4.29
C24 PEF B . -1.83 0.25 5.33
C25 PEF B . -1.84 -0.21 6.78
C30 PEF B . -8.23 1.07 -5.19
C31 PEF B . -9.31 2.10 -5.18
C32 PEF B . -9.10 3.15 -4.15
C33 PEF B . -9.70 2.82 -2.81
C34 PEF B . -9.81 4.02 -1.90
C35 PEF B . -10.80 5.05 -2.37
C36 PEF B . -10.22 6.43 -2.58
C37 PEF B . -10.73 7.47 -1.60
C38 PEF B . -9.81 7.73 -0.44
C39 PEF B . -10.04 6.83 0.74
C40 PEF B . -8.83 6.60 1.60
C41 PEF B . -8.44 5.13 1.76
C42 PEF B . -7.19 4.90 2.60
C43 PEF B . -7.19 3.62 3.42
C44 PEF B . -6.56 3.76 4.80
C45 PEF B . -6.36 2.45 5.50
O4 PEF B . -2.46 1.74 -4.91
O5 PEF B . -8.21 0.15 -4.43
O2 PEF B . -4.12 0.39 -5.47
O3 PEF B . -7.31 1.29 -6.11
O1P PEF B . -5.76 0.59 -11.12
O2P PEF B . -4.54 2.59 -10.02
O3P PEF B . -5.93 0.98 -8.63
O4P PEF B . -3.76 0.21 -9.73
P PEF B . -5.02 1.17 -9.95
C1 EDO C . -9.38 15.84 -3.21
O1 EDO C . -8.65 17.06 -3.30
C2 EDO C . -8.50 14.63 -3.33
O2 EDO C . -7.67 14.46 -2.18
#